data_5FQG
#
_entry.id   5FQG
#
_cell.length_a   113.340
_cell.length_b   113.340
_cell.length_c   95.951
_cell.angle_alpha   90.00
_cell.angle_beta   90.00
_cell.angle_gamma   120.00
#
_symmetry.space_group_name_H-M   'P 32 2 1'
#
loop_
_entity.id
_entity.type
_entity.pdbx_description
1 polymer BETA-N-ACETYLGALACTOSAMINIDASE
2 branched 2-acetamido-2-deoxy-beta-D-galactopyranose-(1-3)-beta-D-galactopyranose
3 non-polymer 'FORMIC ACID'
4 water water
#
_entity_poly.entity_id   1
_entity_poly.type   'polypeptide(L)'
_entity_poly.pdbx_seq_one_letter_code
;MGSSHHHHHHSSGLVPRGSHMASMKKDTTLGASIGSTDFHYLQKDYDEIKKLNLNTWNEVAWIGDELNSKIVMWTNSSPV
NNVTLSSSDFINENGDLISSNNIKISWLKETLANIGRSNPSAPLEPFPDIIHNSGSLNIEKNKIASAWINIKIPRNAKPG
IYNGSIEVTADELEKSYTFDYSFEVLNLVQPLPSETNTQIEFWQHPYTIARYYKICKEDLFTEKHFKYLRGNLKEYRNMG
GRGVIATIVHEAWNHQSYDSDPSMIKWRKNSYGTFEFDYSHFDKWIQLNIDLGILDPEKGFGQIKCYSIVPWNNRIQYFN
EATNKEEAINPTPGSDLWINIWTQFLTSFMSHLEEKGWFNITYISMNQRSMDDLKACVDLIENITNNSYEHFKISSAMDY
ESGNDYSFLDRIDDISIGLSHINHNSDDMKNMATHRQELGLLTTIYTCTGDYPSSFTISDPSEGAFTIWYSLYQNTNGFL
RWSWDGWVENPLENVSYKYWEPGDPFLIYPAEKDSIGKTFYSTPRLEKLKEGIRDINKAKYLMEKAPNLKNSIENLIYSL
KRPNKGENAYGSAVAASKEDRDLTISEANRIKNGINNFAREFISLTMETL
;
_entity_poly.pdbx_strand_id   A
#
# COMPACT_ATOMS: atom_id res chain seq x y z
N THR A 28 -37.33 -10.70 16.07
CA THR A 28 -36.36 -10.70 14.93
C THR A 28 -35.68 -9.33 14.79
N THR A 29 -35.29 -8.74 15.92
CA THR A 29 -34.83 -7.36 15.96
C THR A 29 -33.36 -7.15 15.51
N LEU A 30 -32.62 -8.22 15.23
CA LEU A 30 -31.23 -8.11 14.75
C LEU A 30 -30.75 -9.39 14.07
N GLY A 31 -30.34 -9.27 12.81
CA GLY A 31 -29.79 -10.38 12.03
C GLY A 31 -28.27 -10.37 12.04
N ALA A 32 -27.68 -11.49 11.64
CA ALA A 32 -26.23 -11.68 11.74
C ALA A 32 -25.74 -12.87 10.92
N SER A 33 -24.56 -12.72 10.32
CA SER A 33 -23.95 -13.76 9.50
C SER A 33 -22.47 -13.49 9.30
N ILE A 34 -21.77 -14.46 8.72
CA ILE A 34 -20.38 -14.28 8.32
C ILE A 34 -20.39 -13.80 6.86
N GLY A 35 -19.45 -12.89 6.55
CA GLY A 35 -19.32 -12.30 5.23
C GLY A 35 -17.91 -12.47 4.71
N SER A 36 -17.75 -12.24 3.42
CA SER A 36 -16.44 -12.28 2.81
C SER A 36 -15.78 -10.96 3.18
N THR A 37 -14.46 -10.97 3.21
CA THR A 37 -13.69 -9.75 3.26
C THR A 37 -13.37 -9.27 1.84
N ASP A 38 -13.52 -10.16 0.86
CA ASP A 38 -13.21 -9.88 -0.54
C ASP A 38 -13.99 -8.70 -1.15
N PHE A 39 -15.12 -8.33 -0.55
CA PHE A 39 -15.97 -7.27 -1.06
C PHE A 39 -16.77 -6.59 0.05
N HIS A 40 -17.35 -5.44 -0.27
CA HIS A 40 -18.08 -4.62 0.70
C HIS A 40 -19.55 -5.05 0.79
N TYR A 41 -20.13 -4.87 1.97
CA TYR A 41 -21.56 -5.08 2.20
C TYR A 41 -22.20 -3.72 2.37
N LEU A 42 -22.91 -3.31 1.31
CA LEU A 42 -23.47 -1.98 1.17
C LEU A 42 -24.94 -1.95 1.56
N GLN A 43 -25.50 -0.75 1.66
CA GLN A 43 -26.93 -0.58 1.97
C GLN A 43 -27.84 -0.96 0.80
N LYS A 44 -27.39 -0.68 -0.42
CA LYS A 44 -28.14 -0.99 -1.65
C LYS A 44 -28.47 -2.48 -1.81
N ASP A 45 -27.60 -3.34 -1.30
CA ASP A 45 -27.83 -4.79 -1.29
C ASP A 45 -28.47 -5.32 0.01
N TYR A 46 -29.13 -4.46 0.78
CA TYR A 46 -29.80 -4.84 2.02
C TYR A 46 -30.67 -6.11 1.87
N ASP A 47 -31.65 -6.05 0.96
CA ASP A 47 -32.61 -7.16 0.74
C ASP A 47 -31.92 -8.48 0.45
N GLU A 48 -30.93 -8.43 -0.45
CA GLU A 48 -30.10 -9.59 -0.80
C GLU A 48 -29.30 -10.10 0.41
N ILE A 49 -28.81 -9.16 1.22
CA ILE A 49 -28.01 -9.46 2.43
C ILE A 49 -28.83 -10.09 3.56
N LYS A 50 -30.05 -9.61 3.77
CA LYS A 50 -30.93 -10.14 4.82
C LYS A 50 -31.18 -11.67 4.76
N LYS A 51 -30.91 -12.31 3.61
CA LYS A 51 -31.09 -13.75 3.40
C LYS A 51 -29.87 -14.63 3.70
N LEU A 52 -28.98 -14.17 4.57
CA LEU A 52 -27.68 -14.84 4.83
C LEU A 52 -27.67 -15.64 6.13
N ASN A 53 -26.92 -16.74 6.15
CA ASN A 53 -26.79 -17.55 7.37
C ASN A 53 -25.57 -18.48 7.34
N LEU A 54 -24.39 -17.90 7.08
CA LEU A 54 -23.12 -18.64 7.25
C LEU A 54 -22.70 -18.53 8.73
N ASN A 55 -22.77 -19.65 9.44
CA ASN A 55 -22.38 -19.75 10.85
C ASN A 55 -21.02 -20.38 11.07
N THR A 56 -20.39 -20.83 9.98
CA THR A 56 -19.12 -21.58 10.02
C THR A 56 -18.02 -20.84 9.26
N TRP A 57 -16.80 -20.90 9.77
CA TRP A 57 -15.65 -20.31 9.07
C TRP A 57 -14.40 -21.10 9.39
N ASN A 58 -13.71 -21.47 8.32
CA ASN A 58 -12.49 -22.22 8.40
C ASN A 58 -11.49 -21.66 7.39
N GLU A 59 -10.22 -21.61 7.78
CA GLU A 59 -9.14 -21.10 6.93
C GLU A 59 -7.79 -21.59 7.48
N VAL A 60 -6.74 -21.58 6.64
CA VAL A 60 -5.38 -21.97 7.01
C VAL A 60 -4.42 -20.78 7.12
N ALA A 61 -3.46 -20.88 8.03
CA ALA A 61 -2.48 -19.84 8.28
C ALA A 61 -1.19 -20.45 8.72
N TRP A 62 -0.13 -19.65 8.64
CA TRP A 62 1.20 -20.00 9.16
C TRP A 62 1.41 -19.42 10.57
N ILE A 63 2.47 -19.85 11.22
CA ILE A 63 2.89 -19.30 12.49
C ILE A 63 3.34 -17.88 12.19
N GLY A 64 2.84 -16.90 12.95
CA GLY A 64 3.19 -15.49 12.73
C GLY A 64 2.44 -14.79 11.60
N ASP A 65 1.34 -15.38 11.17
CA ASP A 65 0.54 -14.92 10.03
C ASP A 65 -0.66 -14.19 10.61
N GLU A 66 -1.53 -13.67 9.74
CA GLU A 66 -2.83 -13.15 10.14
C GLU A 66 -3.92 -13.64 9.22
N LEU A 67 -5.12 -13.61 9.72
CA LEU A 67 -6.31 -13.98 8.97
C LEU A 67 -7.38 -12.97 9.27
N ASN A 68 -8.21 -12.66 8.27
CA ASN A 68 -9.35 -11.77 8.46
C ASN A 68 -10.68 -12.38 8.07
N SER A 69 -11.70 -11.97 8.80
CA SER A 69 -13.05 -12.35 8.48
C SER A 69 -13.92 -11.16 8.81
N LYS A 70 -15.22 -11.33 8.65
CA LYS A 70 -16.16 -10.25 8.85
C LYS A 70 -17.46 -10.86 9.31
N ILE A 71 -18.15 -10.18 10.21
CA ILE A 71 -19.50 -10.55 10.57
C ILE A 71 -20.43 -9.43 10.13
N VAL A 72 -21.27 -9.73 9.15
CA VAL A 72 -22.22 -8.79 8.57
C VAL A 72 -23.54 -8.87 9.35
N MET A 73 -24.01 -7.72 9.83
CA MET A 73 -25.23 -7.64 10.64
C MET A 73 -26.24 -6.69 10.01
N TRP A 74 -27.51 -6.86 10.38
CA TRP A 74 -28.58 -6.02 9.87
C TRP A 74 -29.76 -5.93 10.83
N THR A 75 -30.48 -4.82 10.75
CA THR A 75 -31.71 -4.59 11.49
C THR A 75 -32.90 -4.64 10.51
N ASN A 76 -34.11 -4.76 11.05
CA ASN A 76 -35.32 -4.65 10.23
C ASN A 76 -36.01 -3.33 10.56
N SER A 77 -37.26 -3.32 11.05
CA SER A 77 -37.99 -2.06 11.22
C SER A 77 -37.85 -1.45 12.62
N SER A 78 -36.82 -1.84 13.37
CA SER A 78 -36.49 -1.20 14.65
C SER A 78 -35.00 -0.92 14.77
N PRO A 79 -34.62 0.17 15.47
CA PRO A 79 -33.21 0.40 15.74
C PRO A 79 -32.74 -0.53 16.86
N VAL A 80 -31.43 -0.77 16.91
CA VAL A 80 -30.82 -1.67 17.91
C VAL A 80 -29.63 -0.95 18.56
N ASN A 81 -29.39 -1.25 19.83
CA ASN A 81 -28.40 -0.56 20.63
C ASN A 81 -27.35 -1.48 21.25
N ASN A 82 -26.16 -0.93 21.47
CA ASN A 82 -25.03 -1.64 22.10
C ASN A 82 -24.86 -3.08 21.65
N VAL A 83 -24.70 -3.18 20.34
CA VAL A 83 -24.39 -4.43 19.67
C VAL A 83 -22.91 -4.64 19.91
N THR A 84 -22.55 -5.79 20.48
CA THR A 84 -21.18 -6.09 20.87
C THR A 84 -20.76 -7.47 20.33
N LEU A 85 -19.50 -7.58 19.93
CA LEU A 85 -18.93 -8.82 19.39
C LEU A 85 -17.87 -9.32 20.37
N SER A 86 -17.93 -10.60 20.71
CA SER A 86 -17.00 -11.22 21.67
C SER A 86 -16.30 -12.40 21.07
N SER A 87 -14.98 -12.50 21.27
CA SER A 87 -14.20 -13.64 20.86
C SER A 87 -13.75 -14.41 22.09
N SER A 88 -13.88 -15.73 22.00
CA SER A 88 -13.32 -16.62 22.99
C SER A 88 -11.84 -16.78 22.73
N ASP A 89 -11.11 -17.33 23.71
CA ASP A 89 -9.77 -17.81 23.48
C ASP A 89 -9.87 -18.86 22.38
N PHE A 90 -8.78 -19.10 21.66
CA PHE A 90 -8.71 -20.19 20.68
C PHE A 90 -7.78 -21.27 21.20
N ILE A 91 -8.24 -22.51 21.11
CA ILE A 91 -7.58 -23.69 21.70
C ILE A 91 -7.45 -24.78 20.62
N ASN A 92 -6.24 -25.33 20.44
CA ASN A 92 -6.02 -26.42 19.50
C ASN A 92 -6.27 -27.83 20.11
N GLU A 93 -6.09 -28.87 19.29
CA GLU A 93 -6.32 -30.26 19.73
C GLU A 93 -5.45 -30.72 20.94
N ASN A 94 -4.24 -30.16 21.05
CA ASN A 94 -3.36 -30.43 22.21
C ASN A 94 -3.44 -29.41 23.34
N GLY A 95 -4.54 -28.65 23.43
CA GLY A 95 -4.72 -27.68 24.53
C GLY A 95 -3.85 -26.43 24.50
N ASP A 96 -3.18 -26.17 23.38
CA ASP A 96 -2.38 -24.94 23.22
C ASP A 96 -3.32 -23.79 22.95
N LEU A 97 -2.97 -22.63 23.51
CA LEU A 97 -3.88 -21.51 23.58
C LEU A 97 -3.36 -20.26 22.87
N ILE A 98 -4.16 -19.76 21.94
CA ILE A 98 -4.03 -18.42 21.38
C ILE A 98 -5.15 -17.60 22.03
N SER A 99 -4.81 -16.64 22.89
CA SER A 99 -5.81 -15.93 23.70
C SER A 99 -6.69 -14.98 22.87
N SER A 100 -7.80 -14.55 23.46
CA SER A 100 -8.74 -13.64 22.80
C SER A 100 -8.11 -12.26 22.46
N ASN A 101 -7.04 -11.88 23.17
CA ASN A 101 -6.29 -10.64 22.88
C ASN A 101 -5.68 -10.55 21.48
N ASN A 102 -5.52 -11.70 20.82
CA ASN A 102 -4.97 -11.77 19.46
C ASN A 102 -6.02 -11.61 18.35
N ILE A 103 -7.28 -11.53 18.76
CA ILE A 103 -8.41 -11.35 17.87
C ILE A 103 -9.03 -9.97 18.17
N LYS A 104 -8.95 -9.07 17.18
CA LYS A 104 -9.49 -7.72 17.28
C LYS A 104 -10.69 -7.65 16.36
N ILE A 105 -11.86 -7.39 16.93
CA ILE A 105 -13.08 -7.26 16.16
C ILE A 105 -13.38 -5.78 16.15
N SER A 106 -13.48 -5.21 14.94
CA SER A 106 -13.57 -3.75 14.77
C SER A 106 -14.72 -3.38 13.83
N TRP A 107 -15.57 -2.44 14.23
CA TRP A 107 -16.66 -1.96 13.37
C TRP A 107 -16.10 -1.34 12.09
N LEU A 108 -16.73 -1.66 10.96
CA LEU A 108 -16.39 -1.02 9.70
C LEU A 108 -17.23 0.24 9.61
N LYS A 109 -16.56 1.40 9.66
CA LYS A 109 -17.27 2.69 9.57
C LYS A 109 -17.50 3.06 8.10
N GLU A 110 -18.66 3.66 7.85
CA GLU A 110 -19.05 4.06 6.50
C GLU A 110 -18.69 5.53 6.25
N THR A 111 -18.42 5.82 4.98
CA THR A 111 -17.99 7.15 4.57
C THR A 111 -18.50 7.41 3.14
N LEU A 112 -18.75 8.66 2.78
CA LEU A 112 -19.37 8.99 1.48
C LEU A 112 -18.33 9.06 0.36
N ALA A 113 -18.74 8.64 -0.84
CA ALA A 113 -17.86 8.67 -2.01
C ALA A 113 -18.63 8.87 -3.32
N ASN A 114 -18.39 10.01 -3.96
CA ASN A 114 -18.71 10.23 -5.36
C ASN A 114 -17.97 9.14 -6.17
N ILE A 115 -18.59 8.59 -7.23
CA ILE A 115 -18.21 7.25 -7.75
C ILE A 115 -17.54 6.99 -9.16
N GLY A 116 -17.16 7.96 -9.98
CA GLY A 116 -17.02 9.36 -9.67
C GLY A 116 -15.88 10.12 -10.33
N ARG A 117 -15.10 9.46 -11.21
CA ARG A 117 -13.86 10.07 -11.68
C ARG A 117 -14.08 11.40 -12.42
N SER A 118 -13.63 12.49 -11.78
CA SER A 118 -13.68 13.85 -12.32
C SER A 118 -15.09 14.23 -12.76
N ASN A 119 -16.07 13.90 -11.92
CA ASN A 119 -17.48 14.00 -12.29
C ASN A 119 -18.32 14.42 -11.07
N PRO A 120 -18.45 15.74 -10.85
CA PRO A 120 -19.13 16.24 -9.64
C PRO A 120 -20.60 15.90 -9.48
N SER A 121 -21.27 15.46 -10.55
CA SER A 121 -22.71 15.17 -10.50
C SER A 121 -23.03 13.70 -10.13
N ALA A 122 -22.09 12.79 -10.42
CA ALA A 122 -22.24 11.37 -10.02
C ALA A 122 -22.56 11.21 -8.53
N PRO A 123 -23.28 10.13 -8.15
CA PRO A 123 -23.87 10.10 -6.82
C PRO A 123 -22.88 9.78 -5.69
N LEU A 124 -23.13 10.37 -4.53
CA LEU A 124 -22.53 9.94 -3.27
C LEU A 124 -23.18 8.64 -2.83
N GLU A 125 -22.37 7.69 -2.34
CA GLU A 125 -22.87 6.48 -1.68
C GLU A 125 -21.96 6.14 -0.49
N PRO A 126 -22.53 5.70 0.66
CA PRO A 126 -21.68 5.18 1.71
C PRO A 126 -20.91 3.95 1.26
N PHE A 127 -19.62 3.90 1.56
CA PHE A 127 -18.79 2.70 1.41
C PHE A 127 -18.13 2.38 2.76
N PRO A 128 -18.07 1.09 3.16
CA PRO A 128 -17.51 0.73 4.48
C PRO A 128 -15.99 0.49 4.37
N ASP A 129 -15.28 1.59 4.11
CA ASP A 129 -13.84 1.58 3.77
C ASP A 129 -12.94 1.61 5.02
N ILE A 130 -13.51 1.84 6.20
CA ILE A 130 -12.75 2.16 7.41
C ILE A 130 -12.82 1.07 8.49
N ILE A 131 -11.69 0.44 8.80
CA ILE A 131 -11.62 -0.48 9.96
C ILE A 131 -11.51 0.40 11.20
N HIS A 132 -12.64 0.58 11.90
CA HIS A 132 -12.78 1.62 12.94
C HIS A 132 -12.49 1.02 14.34
N ASN A 133 -13.36 1.22 15.35
CA ASN A 133 -13.05 0.82 16.72
C ASN A 133 -13.73 -0.46 17.18
N SER A 134 -13.27 -0.94 18.33
CA SER A 134 -13.89 -2.01 19.09
C SER A 134 -15.01 -1.43 19.95
N GLY A 135 -15.72 -2.32 20.67
CA GLY A 135 -16.76 -1.91 21.60
C GLY A 135 -18.13 -1.75 20.95
N SER A 136 -19.05 -1.15 21.69
CA SER A 136 -20.47 -1.02 21.28
C SER A 136 -20.71 -0.20 20.02
N LEU A 137 -21.86 -0.42 19.38
CA LEU A 137 -22.33 0.43 18.29
C LEU A 137 -23.85 0.34 18.16
N ASN A 138 -24.50 1.50 18.03
CA ASN A 138 -25.95 1.57 17.80
C ASN A 138 -26.19 1.54 16.31
N ILE A 139 -27.22 0.80 15.88
CA ILE A 139 -27.61 0.73 14.47
C ILE A 139 -29.07 1.16 14.34
N GLU A 140 -29.34 2.01 13.36
CA GLU A 140 -30.70 2.48 13.10
C GLU A 140 -31.48 1.43 12.33
N LYS A 141 -32.78 1.68 12.15
CA LYS A 141 -33.67 0.78 11.40
C LYS A 141 -33.20 0.52 9.96
N ASN A 142 -33.52 -0.67 9.45
CA ASN A 142 -33.29 -1.07 8.05
C ASN A 142 -31.84 -0.96 7.51
N LYS A 143 -30.85 -1.05 8.40
CA LYS A 143 -29.45 -0.77 8.04
C LYS A 143 -28.51 -1.98 8.19
N ILE A 144 -27.64 -2.13 7.19
CA ILE A 144 -26.52 -3.06 7.22
C ILE A 144 -25.37 -2.47 8.04
N ALA A 145 -24.67 -3.33 8.79
CA ALA A 145 -23.51 -2.93 9.57
C ALA A 145 -22.59 -4.13 9.74
N SER A 146 -21.33 -4.02 9.31
CA SER A 146 -20.39 -5.12 9.34
C SER A 146 -19.22 -4.85 10.28
N ALA A 147 -18.69 -5.91 10.86
CA ALA A 147 -17.51 -5.81 11.73
C ALA A 147 -16.39 -6.66 11.16
N TRP A 148 -15.18 -6.13 11.22
CA TRP A 148 -13.98 -6.78 10.70
C TRP A 148 -13.35 -7.57 11.85
N ILE A 149 -12.83 -8.74 11.53
CA ILE A 149 -12.24 -9.64 12.52
C ILE A 149 -10.84 -9.94 12.05
N ASN A 150 -9.84 -9.48 12.80
CA ASN A 150 -8.45 -9.75 12.47
C ASN A 150 -7.88 -10.71 13.52
N ILE A 151 -7.25 -11.79 13.06
CA ILE A 151 -6.68 -12.80 13.94
C ILE A 151 -5.20 -12.79 13.71
N LYS A 152 -4.44 -12.38 14.72
CA LYS A 152 -3.00 -12.44 14.67
C LYS A 152 -2.58 -13.77 15.27
N ILE A 153 -1.88 -14.58 14.48
CA ILE A 153 -1.30 -15.82 14.96
C ILE A 153 0.05 -15.41 15.51
N PRO A 154 0.28 -15.59 16.82
CA PRO A 154 1.57 -15.17 17.37
C PRO A 154 2.73 -15.90 16.75
N ARG A 155 3.92 -15.28 16.77
CA ARG A 155 5.13 -15.90 16.22
C ARG A 155 5.67 -17.08 17.04
N ASN A 156 5.14 -17.31 18.24
CA ASN A 156 5.49 -18.49 19.04
C ASN A 156 4.34 -19.48 19.16
N ALA A 157 3.34 -19.34 18.29
CA ALA A 157 2.18 -20.21 18.30
C ALA A 157 2.56 -21.61 17.86
N LYS A 158 1.91 -22.60 18.46
CA LYS A 158 2.11 -24.00 18.11
C LYS A 158 1.24 -24.32 16.92
N PRO A 159 1.72 -25.21 16.02
CA PRO A 159 0.85 -25.67 14.95
C PRO A 159 -0.34 -26.48 15.45
N GLY A 160 -1.37 -26.61 14.63
CA GLY A 160 -2.57 -27.34 15.01
C GLY A 160 -3.80 -26.70 14.41
N ILE A 161 -4.95 -27.31 14.70
CA ILE A 161 -6.25 -26.82 14.28
C ILE A 161 -6.89 -26.23 15.52
N TYR A 162 -7.00 -24.89 15.56
CA TYR A 162 -7.58 -24.17 16.68
C TYR A 162 -9.07 -23.95 16.45
N ASN A 163 -9.80 -23.84 17.56
CA ASN A 163 -11.26 -23.69 17.57
C ASN A 163 -11.66 -22.63 18.58
N GLY A 164 -12.74 -21.92 18.26
CA GLY A 164 -13.21 -20.84 19.11
C GLY A 164 -14.56 -20.36 18.64
N SER A 165 -15.15 -19.44 19.40
CA SER A 165 -16.47 -18.91 19.08
C SER A 165 -16.44 -17.39 19.13
N ILE A 166 -17.11 -16.77 18.16
CA ILE A 166 -17.40 -15.34 18.18
C ILE A 166 -18.90 -15.15 18.48
N GLU A 167 -19.20 -14.20 19.37
CA GLU A 167 -20.56 -14.00 19.89
C GLU A 167 -21.11 -12.60 19.64
N VAL A 168 -22.43 -12.51 19.48
CA VAL A 168 -23.14 -11.25 19.20
C VAL A 168 -24.41 -11.10 20.04
N THR A 169 -24.37 -10.22 21.04
CA THR A 169 -25.58 -9.80 21.77
C THR A 169 -25.99 -8.38 21.36
N ALA A 170 -27.09 -7.92 21.95
CA ALA A 170 -27.46 -6.50 21.99
C ALA A 170 -28.33 -6.21 23.22
N ASP A 171 -28.80 -4.98 23.36
CA ASP A 171 -29.79 -4.62 24.40
C ASP A 171 -31.14 -5.24 24.09
N GLU A 172 -31.59 -5.05 22.85
CA GLU A 172 -32.93 -5.48 22.41
C GLU A 172 -33.01 -7.01 22.20
N LEU A 173 -31.86 -7.67 22.09
CA LEU A 173 -31.80 -9.12 22.09
C LEU A 173 -31.73 -9.63 23.52
N GLU A 174 -32.74 -10.39 23.94
CA GLU A 174 -32.67 -11.20 25.16
C GLU A 174 -31.99 -12.54 24.83
N LYS A 175 -30.91 -12.48 24.02
CA LYS A 175 -30.18 -13.66 23.51
C LYS A 175 -28.84 -13.28 22.82
N SER A 176 -28.10 -14.29 22.37
CA SER A 176 -26.77 -14.12 21.80
C SER A 176 -26.61 -15.05 20.59
N TYR A 177 -26.03 -14.57 19.50
CA TYR A 177 -25.69 -15.45 18.35
C TYR A 177 -24.29 -16.05 18.57
N THR A 178 -24.00 -17.15 17.90
CA THR A 178 -22.71 -17.86 18.03
C THR A 178 -22.22 -18.31 16.67
N PHE A 179 -20.89 -18.31 16.49
CA PHE A 179 -20.28 -18.61 15.20
C PHE A 179 -19.07 -19.53 15.39
N ASP A 180 -19.07 -20.67 14.71
CA ASP A 180 -18.02 -21.67 14.82
C ASP A 180 -16.83 -21.22 13.96
N TYR A 181 -15.76 -20.79 14.63
CA TYR A 181 -14.53 -20.38 13.96
C TYR A 181 -13.45 -21.38 14.28
N SER A 182 -12.76 -21.83 13.22
CA SER A 182 -11.59 -22.65 13.39
C SER A 182 -10.57 -22.17 12.37
N PHE A 183 -9.29 -22.24 12.73
CA PHE A 183 -8.21 -22.10 11.76
C PHE A 183 -7.12 -23.10 12.03
N GLU A 184 -6.44 -23.54 10.98
CA GLU A 184 -5.27 -24.38 11.13
C GLU A 184 -3.99 -23.58 10.98
N VAL A 185 -3.13 -23.69 12.01
CA VAL A 185 -1.78 -23.14 12.00
C VAL A 185 -0.79 -24.19 11.49
N LEU A 186 -0.27 -23.99 10.29
CA LEU A 186 0.78 -24.87 9.75
C LEU A 186 2.11 -24.65 10.45
N ASN A 187 2.97 -25.69 10.48
CA ASN A 187 4.25 -25.63 11.19
C ASN A 187 5.35 -25.00 10.36
N LEU A 188 5.12 -23.75 9.97
CA LEU A 188 6.07 -22.91 9.23
C LEU A 188 5.83 -21.48 9.69
N VAL A 189 6.90 -20.72 9.75
CA VAL A 189 6.86 -19.37 10.27
C VAL A 189 6.80 -18.36 9.13
N GLN A 190 5.80 -17.48 9.19
CA GLN A 190 5.65 -16.38 8.26
C GLN A 190 6.94 -15.57 8.29
N PRO A 191 7.56 -15.32 7.12
CA PRO A 191 8.80 -14.56 7.20
C PRO A 191 8.57 -13.14 7.68
N LEU A 192 9.53 -12.62 8.42
CA LEU A 192 9.56 -11.21 8.73
C LEU A 192 9.86 -10.50 7.41
N PRO A 193 9.27 -9.31 7.20
CA PRO A 193 9.59 -8.52 6.01
C PRO A 193 11.07 -8.47 5.63
N SER A 194 11.96 -8.29 6.61
CA SER A 194 13.41 -8.23 6.33
C SER A 194 14.04 -9.54 5.82
N GLU A 195 13.40 -10.67 6.09
CA GLU A 195 13.85 -11.97 5.56
C GLU A 195 13.38 -12.25 4.12
N THR A 196 12.62 -11.32 3.54
CA THR A 196 12.11 -11.47 2.18
C THR A 196 12.82 -10.53 1.21
N ASN A 197 12.51 -10.69 -0.07
CA ASN A 197 13.04 -9.81 -1.10
C ASN A 197 11.90 -9.08 -1.81
N THR A 198 10.77 -8.98 -1.12
CA THR A 198 9.65 -8.22 -1.61
C THR A 198 9.98 -6.73 -1.47
N GLN A 199 9.65 -5.96 -2.49
CA GLN A 199 9.90 -4.52 -2.55
C GLN A 199 8.55 -3.86 -2.54
N ILE A 200 8.32 -3.01 -1.53
CA ILE A 200 7.09 -2.23 -1.41
C ILE A 200 7.47 -0.75 -1.30
N GLU A 201 6.67 0.11 -1.95
CA GLU A 201 6.85 1.56 -1.89
C GLU A 201 5.50 2.25 -1.95
N PHE A 202 5.09 2.86 -0.84
CA PHE A 202 3.90 3.66 -0.80
C PHE A 202 4.31 5.09 -0.44
N TRP A 203 3.87 6.05 -1.25
CA TRP A 203 4.30 7.45 -1.07
C TRP A 203 3.59 8.13 0.09
N GLN A 204 4.40 8.65 1.00
CA GLN A 204 3.94 9.29 2.22
C GLN A 204 3.96 10.80 2.02
N HIS A 205 3.11 11.49 2.78
CA HIS A 205 2.86 12.91 2.65
C HIS A 205 2.83 13.51 4.04
N PRO A 206 4.00 13.65 4.68
CA PRO A 206 4.02 14.10 6.08
C PRO A 206 3.38 15.48 6.34
N TYR A 207 3.43 16.39 5.37
CA TYR A 207 2.82 17.72 5.54
C TYR A 207 1.29 17.64 5.58
N THR A 208 0.73 16.65 4.89
CA THR A 208 -0.70 16.36 4.93
C THR A 208 -1.08 15.95 6.35
N ILE A 209 -0.24 15.10 6.96
CA ILE A 209 -0.44 14.68 8.36
C ILE A 209 -0.44 15.93 9.25
N ALA A 210 0.53 16.81 9.02
CA ALA A 210 0.63 18.09 9.72
C ALA A 210 -0.62 18.94 9.57
N ARG A 211 -1.08 19.18 8.34
CA ARG A 211 -2.30 19.97 8.13
C ARG A 211 -3.49 19.38 8.90
N TYR A 212 -3.71 18.09 8.75
CA TYR A 212 -4.90 17.45 9.32
C TYR A 212 -4.92 17.51 10.85
N TYR A 213 -3.76 17.29 11.47
CA TYR A 213 -3.65 17.37 12.93
C TYR A 213 -3.30 18.76 13.47
N LYS A 214 -3.30 19.76 12.58
CA LYS A 214 -3.05 21.18 12.91
C LYS A 214 -1.69 21.41 13.57
N ILE A 215 -0.65 20.83 12.97
CA ILE A 215 0.72 21.00 13.42
C ILE A 215 1.27 22.27 12.78
N CYS A 216 1.90 23.12 13.58
CA CYS A 216 2.36 24.43 13.13
C CYS A 216 3.66 24.34 12.35
N LYS A 217 3.94 25.33 11.49
CA LYS A 217 5.21 25.40 10.73
C LYS A 217 6.39 25.11 11.64
N GLU A 218 6.50 25.86 12.72
CA GLU A 218 7.61 25.74 13.67
C GLU A 218 7.73 24.37 14.33
N ASP A 219 6.64 23.61 14.43
CA ASP A 219 6.67 22.24 14.96
C ASP A 219 6.80 21.14 13.89
N LEU A 220 6.98 21.50 12.62
CA LEU A 220 7.20 20.50 11.58
C LEU A 220 8.51 19.73 11.81
N PHE A 221 8.35 18.42 11.87
CA PHE A 221 9.42 17.43 11.93
C PHE A 221 10.13 17.49 13.27
N THR A 222 9.33 17.82 14.30
CA THR A 222 9.70 17.73 15.71
C THR A 222 8.82 16.66 16.30
N GLU A 223 9.04 16.33 17.58
CA GLU A 223 8.34 15.25 18.24
C GLU A 223 6.80 15.43 18.22
N LYS A 224 6.33 16.68 18.27
CA LYS A 224 4.88 16.96 18.13
C LYS A 224 4.31 16.49 16.81
N HIS A 225 5.09 16.63 15.74
CA HIS A 225 4.71 16.10 14.44
C HIS A 225 4.89 14.57 14.43
N PHE A 226 6.05 14.09 14.90
CA PHE A 226 6.34 12.63 14.90
C PHE A 226 5.29 11.78 15.60
N LYS A 227 4.66 12.33 16.64
CA LYS A 227 3.56 11.65 17.34
C LYS A 227 2.44 11.21 16.42
N TYR A 228 2.21 11.95 15.33
CA TYR A 228 1.17 11.60 14.36
C TYR A 228 1.68 10.86 13.10
N LEU A 229 2.99 10.70 13.00
CA LEU A 229 3.58 9.96 11.90
C LEU A 229 3.97 8.53 12.26
N ARG A 230 4.32 8.31 13.53
CA ARG A 230 5.04 7.13 13.96
C ARG A 230 4.21 5.84 13.85
N GLY A 231 2.97 5.87 14.33
CA GLY A 231 2.05 4.75 14.21
C GLY A 231 1.93 4.26 12.76
N ASN A 232 1.55 5.16 11.84
CA ASN A 232 1.31 4.74 10.47
C ASN A 232 2.57 4.33 9.73
N LEU A 233 3.70 4.94 10.06
CA LEU A 233 4.96 4.53 9.44
C LEU A 233 5.48 3.17 9.95
N LYS A 234 5.22 2.85 11.22
CA LYS A 234 5.43 1.50 11.73
C LYS A 234 4.51 0.48 11.07
N GLU A 235 3.25 0.85 10.82
CA GLU A 235 2.33 0.02 10.05
C GLU A 235 2.92 -0.28 8.67
N TYR A 236 3.40 0.77 8.01
CA TYR A 236 4.06 0.66 6.72
C TYR A 236 5.22 -0.30 6.75
N ARG A 237 6.12 -0.12 7.71
CA ARG A 237 7.30 -0.99 7.84
C ARG A 237 6.91 -2.46 8.06
N ASN A 238 6.02 -2.71 9.00
CA ASN A 238 5.65 -4.07 9.37
C ASN A 238 4.93 -4.84 8.27
N MET A 239 4.31 -4.15 7.30
CA MET A 239 3.75 -4.83 6.13
C MET A 239 4.74 -5.09 5.01
N GLY A 240 5.94 -4.50 5.07
CA GLY A 240 6.95 -4.62 4.02
C GLY A 240 7.54 -3.34 3.44
N GLY A 241 7.11 -2.18 3.98
CA GLY A 241 7.53 -0.88 3.46
C GLY A 241 9.02 -0.76 3.37
N ARG A 242 9.51 -0.39 2.20
CA ARG A 242 10.94 -0.18 1.97
C ARG A 242 11.32 1.17 1.34
N GLY A 243 10.44 1.74 0.53
CA GLY A 243 10.75 2.97 -0.20
C GLY A 243 10.21 4.18 0.50
N VAL A 244 11.02 5.23 0.58
CA VAL A 244 10.60 6.46 1.29
C VAL A 244 10.76 7.62 0.33
N ILE A 245 9.66 8.29 0.03
CA ILE A 245 9.68 9.42 -0.89
C ILE A 245 10.01 10.73 -0.15
N ALA A 246 10.77 11.59 -0.82
CA ALA A 246 11.09 12.91 -0.29
C ALA A 246 11.11 13.91 -1.43
N THR A 247 10.37 15.00 -1.27
CA THR A 247 10.34 16.04 -2.29
C THR A 247 11.62 16.85 -2.21
N ILE A 248 12.18 17.17 -3.37
CA ILE A 248 13.38 17.99 -3.51
C ILE A 248 13.15 19.33 -4.23
N VAL A 249 11.96 19.53 -4.80
CA VAL A 249 11.53 20.86 -5.26
C VAL A 249 10.12 21.13 -4.81
N HIS A 250 9.71 22.37 -4.99
CA HIS A 250 8.43 22.85 -4.53
C HIS A 250 7.30 22.37 -5.43
N GLU A 251 6.21 21.92 -4.82
CA GLU A 251 4.94 21.64 -5.49
C GLU A 251 5.11 20.78 -6.76
N ALA A 252 5.92 19.73 -6.61
CA ALA A 252 6.40 18.92 -7.73
C ALA A 252 5.33 18.22 -8.56
N TRP A 253 4.19 17.92 -7.98
CA TRP A 253 3.02 17.38 -8.69
C TRP A 253 1.94 18.45 -8.93
N ASN A 254 2.35 19.71 -9.04
CA ASN A 254 1.46 20.84 -9.33
C ASN A 254 0.18 20.88 -8.52
N HIS A 255 0.30 20.55 -7.25
CA HIS A 255 -0.86 20.58 -6.38
C HIS A 255 -1.98 19.64 -6.86
N GLN A 256 -1.63 18.50 -7.48
CA GLN A 256 -2.63 17.49 -7.85
C GLN A 256 -3.48 17.05 -6.65
N SER A 257 -2.83 16.88 -5.49
CA SER A 257 -3.50 16.42 -4.25
C SER A 257 -4.23 17.54 -3.54
N TYR A 258 -5.12 17.16 -2.63
CA TYR A 258 -5.88 18.11 -1.81
C TYR A 258 -4.96 19.03 -1.03
N ASP A 259 -3.90 18.46 -0.48
CA ASP A 259 -2.83 19.22 0.17
C ASP A 259 -1.73 19.58 -0.83
N SER A 260 -1.16 20.76 -0.64
CA SER A 260 0.09 21.14 -1.30
C SER A 260 1.16 20.10 -0.99
N ASP A 261 2.15 19.97 -1.88
CA ASP A 261 3.35 19.17 -1.61
C ASP A 261 4.55 20.10 -1.44
N PRO A 262 4.81 20.57 -0.19
CA PRO A 262 6.01 21.40 0.00
C PRO A 262 7.32 20.65 -0.26
N SER A 263 8.37 21.38 -0.61
CA SER A 263 9.69 20.79 -0.80
C SER A 263 10.30 20.53 0.57
N MET A 264 10.96 19.38 0.72
CA MET A 264 11.74 19.12 1.93
C MET A 264 13.14 19.72 1.82
N ILE A 265 13.45 20.27 0.64
CA ILE A 265 14.69 20.99 0.41
C ILE A 265 14.34 22.37 -0.13
N LYS A 266 14.60 23.42 0.66
CA LYS A 266 14.26 24.79 0.25
C LYS A 266 15.42 25.32 -0.61
N TRP A 267 15.11 25.91 -1.77
CA TRP A 267 16.12 26.47 -2.67
C TRP A 267 16.22 27.97 -2.46
N ARG A 268 17.44 28.49 -2.46
CA ARG A 268 17.70 29.94 -2.48
C ARG A 268 18.67 30.25 -3.62
N LYS A 269 18.57 31.46 -4.16
CA LYS A 269 19.56 32.00 -5.09
C LYS A 269 20.19 33.22 -4.43
N ASN A 270 21.49 33.12 -4.14
CA ASN A 270 22.18 34.15 -3.36
C ASN A 270 22.57 35.36 -4.22
N SER A 271 23.10 36.39 -3.56
CA SER A 271 23.59 37.60 -4.25
C SER A 271 24.56 37.29 -5.41
N TYR A 272 25.43 36.28 -5.23
CA TYR A 272 26.36 35.85 -6.29
C TYR A 272 25.67 35.11 -7.46
N GLY A 273 24.39 34.76 -7.30
CA GLY A 273 23.62 34.13 -8.36
C GLY A 273 23.89 32.65 -8.59
N THR A 274 24.22 31.94 -7.51
CA THR A 274 24.28 30.48 -7.51
C THR A 274 23.30 29.98 -6.46
N PHE A 275 22.92 28.70 -6.56
CA PHE A 275 21.86 28.16 -5.69
C PHE A 275 22.40 27.48 -4.43
N GLU A 276 21.87 27.90 -3.28
CA GLU A 276 22.11 27.25 -2.00
C GLU A 276 20.82 26.52 -1.60
N PHE A 277 20.97 25.52 -0.75
CA PHE A 277 19.89 24.57 -0.45
C PHE A 277 19.79 24.34 1.04
N ASP A 278 18.58 24.36 1.58
CA ASP A 278 18.33 24.07 2.98
C ASP A 278 17.70 22.69 3.13
N TYR A 279 18.47 21.75 3.66
CA TYR A 279 18.07 20.33 3.75
C TYR A 279 17.36 19.98 5.05
N SER A 280 17.04 20.99 5.83
CA SER A 280 16.61 20.79 7.20
C SER A 280 15.47 19.78 7.33
N HIS A 281 14.40 19.97 6.55
CA HIS A 281 13.23 19.08 6.61
C HIS A 281 13.50 17.67 6.10
N PHE A 282 14.18 17.58 4.96
CA PHE A 282 14.60 16.31 4.39
C PHE A 282 15.32 15.47 5.44
N ASP A 283 16.31 16.07 6.11
CA ASP A 283 17.14 15.35 7.11
C ASP A 283 16.32 14.78 8.26
N LYS A 284 15.43 15.58 8.80
CA LYS A 284 14.58 15.11 9.89
C LYS A 284 13.61 14.04 9.43
N TRP A 285 13.07 14.21 8.24
CA TRP A 285 12.21 13.21 7.63
C TRP A 285 12.92 11.87 7.46
N ILE A 286 14.10 11.92 6.84
CA ILE A 286 14.87 10.71 6.59
C ILE A 286 15.31 10.11 7.91
N GLN A 287 15.92 10.92 8.78
CA GLN A 287 16.37 10.43 10.08
C GLN A 287 15.24 9.78 10.87
N LEU A 288 14.02 10.32 10.78
CA LEU A 288 12.87 9.67 11.42
C LEU A 288 12.73 8.25 10.92
N ASN A 289 12.61 8.13 9.59
CA ASN A 289 12.50 6.82 8.93
C ASN A 289 13.65 5.88 9.24
N ILE A 290 14.85 6.42 9.44
CA ILE A 290 15.96 5.61 9.88
C ILE A 290 15.72 5.15 11.30
N ASP A 291 15.35 6.07 12.18
CA ASP A 291 15.02 5.71 13.56
C ASP A 291 13.88 4.69 13.70
N LEU A 292 12.90 4.71 12.79
CA LEU A 292 11.82 3.73 12.81
C LEU A 292 12.16 2.41 12.14
N GLY A 293 13.32 2.31 11.51
CA GLY A 293 13.82 1.05 10.96
C GLY A 293 13.48 0.79 9.50
N ILE A 294 12.82 1.74 8.84
CA ILE A 294 12.41 1.57 7.44
C ILE A 294 13.64 1.63 6.55
N LEU A 295 14.51 2.59 6.84
CA LEU A 295 15.75 2.79 6.13
C LEU A 295 16.92 2.46 7.05
N ASP A 296 17.91 1.76 6.54
CA ASP A 296 19.17 1.52 7.22
C ASP A 296 20.27 1.80 6.21
N PRO A 297 20.71 3.07 6.12
CA PRO A 297 21.74 3.41 5.14
C PRO A 297 23.07 2.67 5.32
N GLU A 298 23.47 2.38 6.56
CA GLU A 298 24.76 1.70 6.80
C GLU A 298 24.79 0.29 6.24
N LYS A 299 23.68 -0.45 6.36
CA LYS A 299 23.57 -1.81 5.81
C LYS A 299 23.01 -1.87 4.38
N GLY A 300 22.56 -0.73 3.87
CA GLY A 300 22.10 -0.60 2.48
C GLY A 300 20.67 -1.00 2.25
N PHE A 301 19.84 -0.94 3.30
CA PHE A 301 18.45 -1.35 3.22
C PHE A 301 17.52 -0.16 3.04
N GLY A 302 16.53 -0.32 2.16
CA GLY A 302 15.53 0.71 1.88
C GLY A 302 15.98 1.69 0.84
N GLN A 303 15.05 2.52 0.39
CA GLN A 303 15.34 3.52 -0.64
C GLN A 303 14.79 4.88 -0.25
N ILE A 304 15.60 5.89 -0.51
CA ILE A 304 15.18 7.28 -0.47
C ILE A 304 14.90 7.67 -1.93
N LYS A 305 13.63 7.91 -2.26
CA LYS A 305 13.22 8.30 -3.61
C LYS A 305 12.97 9.81 -3.65
N CYS A 306 13.86 10.51 -4.36
CA CYS A 306 13.89 11.97 -4.37
C CYS A 306 13.12 12.56 -5.57
N TYR A 307 11.90 13.04 -5.33
CA TYR A 307 11.00 13.49 -6.39
C TYR A 307 11.07 15.01 -6.59
N SER A 308 11.52 15.53 -7.74
CA SER A 308 11.98 14.79 -8.92
C SER A 308 12.87 15.69 -9.74
N ILE A 309 13.84 15.12 -10.45
CA ILE A 309 14.67 15.89 -11.35
C ILE A 309 13.84 16.41 -12.55
N VAL A 310 12.72 15.73 -12.83
CA VAL A 310 11.71 16.20 -13.80
C VAL A 310 10.36 16.45 -13.12
N PRO A 311 10.29 17.49 -12.29
CA PRO A 311 9.01 17.88 -11.70
C PRO A 311 8.02 18.42 -12.74
N TRP A 312 6.83 18.85 -12.31
CA TRP A 312 5.82 19.32 -13.25
C TRP A 312 6.27 20.58 -14.02
N ASN A 313 6.28 20.47 -15.36
CA ASN A 313 6.67 21.54 -16.27
C ASN A 313 8.11 22.03 -16.08
N ASN A 314 8.94 21.19 -15.45
CA ASN A 314 10.28 21.54 -15.00
C ASN A 314 10.39 22.74 -14.05
N ARG A 315 9.30 23.11 -13.38
CA ARG A 315 9.24 24.33 -12.58
C ARG A 315 9.95 24.17 -11.23
N ILE A 316 10.98 24.98 -11.01
CA ILE A 316 11.69 25.08 -9.74
C ILE A 316 11.41 26.43 -9.12
N GLN A 317 10.70 26.47 -7.99
CA GLN A 317 10.46 27.72 -7.24
C GLN A 317 11.55 27.97 -6.17
N TYR A 318 11.99 29.22 -6.04
CA TYR A 318 13.07 29.58 -5.11
C TYR A 318 12.99 31.02 -4.59
N PHE A 319 13.58 31.26 -3.43
CA PHE A 319 13.62 32.61 -2.84
C PHE A 319 14.89 33.29 -3.31
N ASN A 320 14.75 34.36 -4.11
CA ASN A 320 15.94 35.09 -4.58
C ASN A 320 16.37 36.08 -3.52
N GLU A 321 17.57 35.89 -2.96
CA GLU A 321 18.13 36.78 -1.96
C GLU A 321 18.51 38.12 -2.59
N ALA A 322 19.02 38.09 -3.83
CA ALA A 322 19.39 39.30 -4.56
C ALA A 322 18.20 40.26 -4.67
N THR A 323 17.14 39.85 -5.37
CA THR A 323 15.95 40.70 -5.60
C THR A 323 14.88 40.59 -4.49
N ASN A 324 15.16 39.85 -3.42
CA ASN A 324 14.17 39.53 -2.38
C ASN A 324 12.77 39.20 -2.96
N LYS A 325 12.74 38.32 -3.94
CA LYS A 325 11.49 37.85 -4.57
C LYS A 325 11.47 36.33 -4.63
N GLU A 326 10.31 35.74 -4.30
CA GLU A 326 10.02 34.34 -4.66
C GLU A 326 9.92 34.28 -6.18
N GLU A 327 10.84 33.55 -6.82
CA GLU A 327 10.89 33.44 -8.27
C GLU A 327 10.78 31.98 -8.72
N ALA A 328 10.66 31.76 -10.01
CA ALA A 328 10.64 30.41 -10.59
C ALA A 328 11.25 30.38 -11.97
N ILE A 329 11.71 29.20 -12.34
CA ILE A 329 12.34 28.92 -13.62
C ILE A 329 11.81 27.60 -14.14
N ASN A 330 11.86 27.42 -15.47
CA ASN A 330 11.33 26.21 -16.13
C ASN A 330 12.31 25.71 -17.16
N PRO A 331 13.55 25.40 -16.74
CA PRO A 331 14.54 24.98 -17.74
C PRO A 331 14.17 23.65 -18.40
N THR A 332 14.41 23.54 -19.71
CA THR A 332 14.08 22.35 -20.46
C THR A 332 15.23 21.33 -20.39
N PRO A 333 14.93 20.05 -20.06
CA PRO A 333 15.92 18.97 -20.01
C PRO A 333 16.78 18.91 -21.26
N GLY A 334 18.10 18.81 -21.06
CA GLY A 334 19.08 18.98 -22.13
C GLY A 334 19.67 20.39 -22.25
N SER A 335 18.87 21.43 -21.98
CA SER A 335 19.33 22.82 -22.15
C SER A 335 20.46 23.13 -21.17
N ASP A 336 21.25 24.16 -21.49
CA ASP A 336 22.47 24.44 -20.76
C ASP A 336 22.21 25.12 -19.41
N LEU A 337 21.11 25.86 -19.33
CA LEU A 337 20.63 26.38 -18.05
C LEU A 337 20.22 25.20 -17.17
N TRP A 338 19.42 24.29 -17.74
CA TRP A 338 18.99 23.08 -17.03
C TRP A 338 20.17 22.26 -16.51
N ILE A 339 21.16 22.03 -17.37
CA ILE A 339 22.39 21.32 -16.97
C ILE A 339 23.08 22.06 -15.85
N ASN A 340 23.30 23.35 -16.02
CA ASN A 340 23.97 24.14 -15.00
C ASN A 340 23.30 23.97 -13.64
N ILE A 341 21.98 24.12 -13.65
CA ILE A 341 21.19 24.19 -12.43
C ILE A 341 21.12 22.88 -11.66
N TRP A 342 20.85 21.78 -12.35
CA TRP A 342 20.77 20.48 -11.70
C TRP A 342 22.15 19.95 -11.31
N THR A 343 23.20 20.38 -12.02
CA THR A 343 24.58 20.08 -11.63
C THR A 343 24.88 20.71 -10.28
N GLN A 344 24.51 21.98 -10.10
CA GLN A 344 24.63 22.62 -8.79
C GLN A 344 23.89 21.87 -7.68
N PHE A 345 22.66 21.44 -7.97
CA PHE A 345 21.84 20.72 -6.98
C PHE A 345 22.41 19.35 -6.65
N LEU A 346 22.56 18.52 -7.69
CA LEU A 346 23.05 17.15 -7.52
C LEU A 346 24.44 17.06 -6.90
N THR A 347 25.34 17.98 -7.25
CA THR A 347 26.68 17.98 -6.66
C THR A 347 26.63 18.35 -5.18
N SER A 348 25.80 19.33 -4.85
CA SER A 348 25.61 19.73 -3.46
C SER A 348 24.85 18.66 -2.65
N PHE A 349 23.85 18.05 -3.28
CA PHE A 349 23.02 17.01 -2.62
C PHE A 349 23.87 15.78 -2.31
N MET A 350 24.70 15.38 -3.28
CA MET A 350 25.65 14.29 -3.13
C MET A 350 26.55 14.51 -1.93
N SER A 351 27.19 15.68 -1.88
CA SER A 351 28.07 16.01 -0.79
C SER A 351 27.37 15.99 0.55
N HIS A 352 26.14 16.50 0.59
CA HIS A 352 25.35 16.51 1.82
C HIS A 352 25.03 15.09 2.28
N LEU A 353 24.64 14.23 1.33
CA LEU A 353 24.28 12.84 1.64
C LEU A 353 25.51 12.05 2.08
N GLU A 354 26.64 12.30 1.43
CA GLU A 354 27.89 11.65 1.86
C GLU A 354 28.30 12.05 3.29
N GLU A 355 28.17 13.32 3.67
CA GLU A 355 28.39 13.72 5.08
C GLU A 355 27.49 12.97 6.07
N LYS A 356 26.25 12.72 5.68
CA LYS A 356 25.30 12.00 6.53
C LYS A 356 25.49 10.48 6.43
N GLY A 357 26.14 10.01 5.37
CA GLY A 357 26.37 8.59 5.13
C GLY A 357 25.15 7.92 4.52
N TRP A 358 24.32 8.69 3.82
CA TRP A 358 23.06 8.20 3.26
C TRP A 358 23.10 7.96 1.75
N PHE A 359 24.21 8.30 1.11
CA PHE A 359 24.25 8.40 -0.35
C PHE A 359 23.90 7.08 -1.06
N ASN A 360 24.43 5.97 -0.56
CA ASN A 360 24.25 4.66 -1.21
C ASN A 360 22.79 4.22 -1.40
N ILE A 361 21.89 4.64 -0.53
CA ILE A 361 20.46 4.26 -0.65
C ILE A 361 19.54 5.33 -1.33
N THR A 362 20.13 6.38 -1.90
CA THR A 362 19.38 7.50 -2.44
C THR A 362 19.18 7.37 -3.95
N TYR A 363 17.94 7.62 -4.38
CA TYR A 363 17.52 7.50 -5.77
C TYR A 363 16.93 8.82 -6.22
N ILE A 364 17.44 9.34 -7.33
CA ILE A 364 16.80 10.47 -8.01
C ILE A 364 15.62 9.94 -8.83
N SER A 365 14.42 10.36 -8.47
CA SER A 365 13.24 9.96 -9.21
C SER A 365 13.00 10.81 -10.45
N MET A 366 12.64 10.14 -11.54
CA MET A 366 12.19 10.79 -12.75
C MET A 366 10.68 10.60 -12.84
N ASN A 367 10.13 10.59 -14.05
CA ASN A 367 8.70 10.53 -14.27
C ASN A 367 8.45 10.19 -15.75
N GLN A 368 7.21 9.92 -16.13
CA GLN A 368 6.89 9.70 -17.57
C GLN A 368 7.16 10.96 -18.40
N ARG A 369 8.25 10.92 -19.19
CA ARG A 369 8.62 12.01 -20.09
C ARG A 369 9.07 11.49 -21.46
N SER A 370 9.39 12.41 -22.36
CA SER A 370 9.96 12.05 -23.65
C SER A 370 11.32 11.40 -23.48
N MET A 371 11.67 10.51 -24.40
CA MET A 371 12.99 9.87 -24.42
C MET A 371 14.16 10.87 -24.44
N ASP A 372 13.95 12.07 -25.01
CA ASP A 372 14.92 13.18 -24.94
C ASP A 372 15.13 13.61 -23.49
N ASP A 373 14.03 13.98 -22.83
CA ASP A 373 14.07 14.44 -21.44
C ASP A 373 14.73 13.40 -20.53
N LEU A 374 14.34 12.13 -20.68
CA LEU A 374 14.91 11.05 -19.88
C LEU A 374 16.39 10.80 -20.20
N LYS A 375 16.74 10.73 -21.49
CA LYS A 375 18.16 10.60 -21.87
C LYS A 375 18.99 11.74 -21.28
N ALA A 376 18.43 12.94 -21.19
CA ALA A 376 19.11 14.09 -20.58
C ALA A 376 19.36 13.89 -19.07
N CYS A 377 18.31 13.47 -18.36
CA CYS A 377 18.40 13.17 -16.91
C CYS A 377 19.47 12.11 -16.59
N VAL A 378 19.47 11.02 -17.35
CA VAL A 378 20.39 9.91 -17.08
C VAL A 378 21.84 10.29 -17.42
N ASP A 379 22.03 11.00 -18.55
CA ASP A 379 23.35 11.51 -18.94
C ASP A 379 23.98 12.32 -17.81
N LEU A 380 23.20 13.26 -17.28
CA LEU A 380 23.69 14.18 -16.25
C LEU A 380 24.02 13.44 -14.94
N ILE A 381 23.10 12.57 -14.54
CA ILE A 381 23.26 11.78 -13.31
C ILE A 381 24.52 10.91 -13.39
N GLU A 382 24.68 10.17 -14.48
CA GLU A 382 25.88 9.34 -14.68
C GLU A 382 27.20 10.12 -14.80
N ASN A 383 27.13 11.39 -15.20
CA ASN A 383 28.32 12.25 -15.24
C ASN A 383 28.85 12.69 -13.90
N ILE A 384 27.93 13.04 -13.00
CA ILE A 384 28.31 13.55 -11.68
C ILE A 384 28.65 12.37 -10.77
N THR A 385 29.90 12.31 -10.32
CA THR A 385 30.38 11.22 -9.47
C THR A 385 31.11 11.72 -8.23
N ASN A 386 31.12 10.90 -7.18
CA ASN A 386 31.89 11.15 -5.96
C ASN A 386 33.38 10.86 -6.17
N ASN A 387 34.19 10.95 -5.10
CA ASN A 387 35.61 10.61 -5.16
C ASN A 387 35.87 9.13 -5.56
N SER A 388 34.91 8.23 -5.29
CA SER A 388 35.00 6.80 -5.69
C SER A 388 34.30 6.43 -7.02
N TYR A 389 34.18 7.39 -7.94
CA TYR A 389 33.61 7.19 -9.28
C TYR A 389 32.23 6.50 -9.31
N GLU A 390 31.40 6.82 -8.32
CA GLU A 390 30.03 6.32 -8.21
C GLU A 390 29.03 7.48 -8.30
N HIS A 391 27.89 7.22 -8.94
CA HIS A 391 26.88 8.23 -9.19
C HIS A 391 25.54 7.84 -8.56
N PHE A 392 24.61 8.78 -8.50
CA PHE A 392 23.27 8.56 -7.93
C PHE A 392 22.53 7.39 -8.59
N LYS A 393 21.89 6.56 -7.78
CA LYS A 393 20.91 5.61 -8.32
C LYS A 393 19.73 6.39 -8.92
N ILE A 394 19.02 5.77 -9.85
CA ILE A 394 17.89 6.40 -10.53
C ILE A 394 16.66 5.53 -10.41
N SER A 395 15.53 6.18 -10.15
CA SER A 395 14.25 5.52 -10.02
C SER A 395 13.27 6.24 -10.93
N SER A 396 12.29 5.52 -11.45
CA SER A 396 11.25 6.14 -12.27
C SER A 396 10.10 5.19 -12.51
N ALA A 397 8.88 5.71 -12.43
CA ALA A 397 7.75 5.11 -13.12
C ALA A 397 7.99 5.19 -14.64
N MET A 398 7.58 4.16 -15.38
CA MET A 398 7.81 4.06 -16.82
C MET A 398 6.58 3.46 -17.53
N ASP A 399 6.65 3.34 -18.86
CA ASP A 399 5.55 2.76 -19.66
C ASP A 399 6.02 1.61 -20.60
N TYR A 400 6.90 0.75 -20.10
CA TYR A 400 7.43 -0.39 -20.86
C TYR A 400 6.32 -1.39 -21.25
N GLU A 401 6.33 -1.81 -22.50
CA GLU A 401 5.33 -2.78 -23.04
C GLU A 401 5.94 -3.79 -24.04
N SER A 402 6.67 -3.31 -25.05
CA SER A 402 7.27 -4.15 -26.12
C SER A 402 8.72 -4.58 -25.80
N GLY A 403 9.11 -5.74 -26.34
CA GLY A 403 10.29 -6.45 -25.89
C GLY A 403 11.66 -5.93 -26.24
N ASN A 404 12.65 -6.77 -25.94
CA ASN A 404 13.99 -6.74 -26.55
C ASN A 404 14.99 -5.72 -25.96
N ASP A 405 14.71 -4.43 -26.15
CA ASP A 405 15.73 -3.37 -25.95
C ASP A 405 15.86 -2.91 -24.48
N TYR A 406 16.93 -3.34 -23.81
CA TYR A 406 17.17 -3.04 -22.39
C TYR A 406 18.40 -2.15 -22.16
N SER A 407 19.00 -1.62 -23.23
CA SER A 407 20.22 -0.80 -23.13
C SER A 407 20.05 0.47 -22.27
N PHE A 408 18.87 1.08 -22.37
CA PHE A 408 18.54 2.29 -21.63
C PHE A 408 18.03 1.99 -20.20
N LEU A 409 17.14 1.00 -20.07
CA LEU A 409 16.56 0.63 -18.76
C LEU A 409 17.62 0.04 -17.80
N ASP A 410 18.53 -0.76 -18.32
CA ASP A 410 19.71 -1.20 -17.53
C ASP A 410 20.48 -0.06 -16.82
N ARG A 411 20.26 1.20 -17.22
CA ARG A 411 20.82 2.38 -16.54
C ARG A 411 19.94 2.96 -15.41
N ILE A 412 18.64 2.69 -15.44
CA ILE A 412 17.71 3.06 -14.37
C ILE A 412 17.65 1.97 -13.28
N ASP A 413 17.95 2.33 -12.03
CA ASP A 413 18.13 1.32 -10.97
C ASP A 413 16.82 0.71 -10.42
N ASP A 414 15.73 1.46 -10.47
CA ASP A 414 14.44 1.01 -9.97
C ASP A 414 13.34 1.56 -10.87
N ILE A 415 12.48 0.68 -11.36
CA ILE A 415 11.41 1.09 -12.25
C ILE A 415 10.12 0.49 -11.77
N SER A 416 9.04 1.25 -11.89
CA SER A 416 7.72 0.75 -11.60
C SER A 416 6.97 0.88 -12.91
N ILE A 417 6.30 -0.19 -13.32
CA ILE A 417 5.49 -0.17 -14.54
C ILE A 417 4.01 -0.15 -14.17
N GLY A 418 3.24 0.71 -14.81
CA GLY A 418 1.81 0.78 -14.54
C GLY A 418 1.09 -0.46 -15.06
N LEU A 419 0.04 -0.88 -14.34
CA LEU A 419 -0.75 -2.09 -14.67
C LEU A 419 -1.32 -2.05 -16.08
N SER A 420 -1.95 -0.92 -16.44
CA SER A 420 -2.56 -0.74 -17.77
C SER A 420 -1.57 -0.78 -18.95
N HIS A 421 -0.27 -0.58 -18.71
CA HIS A 421 0.76 -0.73 -19.75
C HIS A 421 1.44 -2.12 -19.75
N ILE A 422 0.80 -3.11 -19.12
CA ILE A 422 1.32 -4.47 -19.15
C ILE A 422 0.41 -5.29 -20.05
N ASN A 423 1.06 -6.09 -20.89
CA ASN A 423 0.40 -6.97 -21.84
C ASN A 423 -0.19 -8.17 -21.12
N HIS A 424 -1.45 -8.48 -21.40
CA HIS A 424 -2.18 -9.57 -20.73
C HIS A 424 -1.60 -10.97 -21.02
N ASN A 425 -0.87 -11.11 -22.13
CA ASN A 425 -0.46 -12.42 -22.69
C ASN A 425 1.06 -12.63 -22.84
N SER A 426 1.76 -11.66 -23.41
CA SER A 426 3.17 -11.84 -23.83
C SER A 426 4.14 -12.03 -22.67
N ASP A 427 5.29 -12.63 -22.98
CA ASP A 427 6.41 -12.78 -22.03
C ASP A 427 7.41 -11.61 -22.10
N ASP A 428 7.00 -10.47 -22.67
CA ASP A 428 7.84 -9.26 -22.79
C ASP A 428 8.28 -8.75 -21.40
N MET A 429 7.29 -8.48 -20.55
CA MET A 429 7.51 -7.98 -19.18
C MET A 429 8.32 -8.94 -18.30
N LYS A 430 7.90 -10.21 -18.26
CA LYS A 430 8.54 -11.24 -17.44
C LYS A 430 10.03 -11.39 -17.80
N ASN A 431 10.33 -11.31 -19.10
CA ASN A 431 11.71 -11.34 -19.60
C ASN A 431 12.46 -10.08 -19.20
N MET A 432 11.81 -8.93 -19.35
CA MET A 432 12.41 -7.67 -18.92
C MET A 432 12.73 -7.70 -17.42
N ALA A 433 11.71 -7.99 -16.63
CA ALA A 433 11.85 -8.12 -15.18
C ALA A 433 12.96 -9.09 -14.80
N THR A 434 13.04 -10.23 -15.50
CA THR A 434 14.03 -11.29 -15.22
C THR A 434 15.45 -10.84 -15.55
N HIS A 435 15.58 -10.10 -16.65
CA HIS A 435 16.84 -9.45 -17.00
C HIS A 435 17.31 -8.52 -15.87
N ARG A 436 16.37 -7.73 -15.34
CA ARG A 436 16.66 -6.81 -14.22
C ARG A 436 17.03 -7.58 -12.95
N GLN A 437 16.27 -8.63 -12.63
CA GLN A 437 16.58 -9.56 -11.55
C GLN A 437 17.99 -10.17 -11.67
N GLU A 438 18.37 -10.59 -12.88
CA GLU A 438 19.71 -11.13 -13.15
C GLU A 438 20.83 -10.10 -12.86
N LEU A 439 20.60 -8.81 -13.13
CA LEU A 439 21.56 -7.74 -12.79
C LEU A 439 21.42 -7.13 -11.38
N GLY A 440 20.43 -7.58 -10.61
CA GLY A 440 20.18 -7.08 -9.27
C GLY A 440 19.54 -5.69 -9.25
N LEU A 441 18.70 -5.40 -10.24
CA LEU A 441 17.95 -4.15 -10.31
C LEU A 441 16.49 -4.38 -9.93
N LEU A 442 15.89 -3.33 -9.37
CA LEU A 442 14.55 -3.40 -8.82
C LEU A 442 13.50 -3.08 -9.87
N THR A 443 12.35 -3.73 -9.75
CA THR A 443 11.27 -3.60 -10.70
C THR A 443 9.99 -3.84 -9.93
N THR A 444 8.98 -3.01 -10.15
CA THR A 444 7.70 -3.20 -9.49
C THR A 444 6.65 -2.91 -10.51
N ILE A 445 5.40 -3.07 -10.11
CA ILE A 445 4.27 -2.58 -10.87
C ILE A 445 3.50 -1.68 -9.93
N TYR A 446 2.61 -0.86 -10.48
CA TYR A 446 1.78 0.01 -9.67
C TYR A 446 0.39 0.11 -10.24
N THR A 447 -0.54 0.49 -9.38
CA THR A 447 -1.88 0.85 -9.82
C THR A 447 -2.16 2.27 -9.42
N CYS A 448 -3.07 2.89 -10.13
CA CYS A 448 -3.41 4.28 -9.96
C CYS A 448 -4.78 4.47 -10.58
N THR A 449 -5.19 5.72 -10.80
CA THR A 449 -6.48 6.02 -11.44
C THR A 449 -6.63 5.29 -12.79
N GLY A 450 -7.84 4.84 -13.09
CA GLY A 450 -8.15 4.16 -14.35
C GLY A 450 -7.61 2.74 -14.51
N ASP A 451 -7.19 2.10 -13.42
CA ASP A 451 -6.73 0.70 -13.46
C ASP A 451 -7.81 -0.21 -12.89
N TYR A 452 -7.88 -1.43 -13.42
CA TYR A 452 -8.60 -2.54 -12.77
C TYR A 452 -7.80 -3.82 -13.00
N PRO A 453 -7.37 -4.53 -11.96
CA PRO A 453 -7.70 -4.26 -10.55
C PRO A 453 -6.97 -3.05 -9.95
N SER A 454 -7.56 -2.44 -8.93
CA SER A 454 -6.91 -1.35 -8.16
C SER A 454 -7.33 -1.34 -6.69
N SER A 455 -6.90 -0.30 -5.96
CA SER A 455 -7.13 -0.19 -4.51
C SER A 455 -7.82 1.15 -4.20
N PHE A 456 -9.02 1.29 -4.76
CA PHE A 456 -9.88 2.45 -4.53
C PHE A 456 -10.88 2.09 -3.45
N THR A 457 -11.58 3.07 -2.90
CA THR A 457 -12.67 2.79 -1.97
C THR A 457 -13.74 1.88 -2.58
N ILE A 458 -14.04 2.12 -3.85
CA ILE A 458 -15.06 1.37 -4.59
C ILE A 458 -14.59 0.01 -5.06
N SER A 459 -13.28 -0.26 -4.95
CA SER A 459 -12.75 -1.56 -5.30
C SER A 459 -13.34 -2.68 -4.43
N ASP A 460 -13.25 -3.89 -4.97
CA ASP A 460 -13.34 -5.08 -4.15
C ASP A 460 -11.97 -5.19 -3.49
N PRO A 461 -11.92 -5.15 -2.15
CA PRO A 461 -10.63 -5.29 -1.46
C PRO A 461 -9.71 -6.41 -1.99
N SER A 462 -10.28 -7.57 -2.34
CA SER A 462 -9.54 -8.71 -2.98
C SER A 462 -8.62 -8.33 -4.14
N GLU A 463 -9.03 -7.31 -4.88
CA GLU A 463 -8.21 -6.71 -5.93
C GLU A 463 -6.79 -6.41 -5.45
N GLY A 464 -6.68 -5.93 -4.22
CA GLY A 464 -5.39 -5.79 -3.53
C GLY A 464 -4.57 -7.04 -3.54
N ALA A 465 -5.15 -8.16 -3.11
CA ALA A 465 -4.42 -9.42 -3.08
C ALA A 465 -4.00 -9.88 -4.47
N PHE A 466 -4.91 -9.73 -5.44
CA PHE A 466 -4.60 -10.05 -6.83
C PHE A 466 -3.37 -9.29 -7.30
N THR A 467 -3.41 -7.98 -7.09
CA THR A 467 -2.34 -7.07 -7.49
C THR A 467 -0.98 -7.63 -7.08
N ILE A 468 -0.86 -8.08 -5.83
CA ILE A 468 0.44 -8.56 -5.32
C ILE A 468 0.84 -9.84 -6.06
N TRP A 469 -0.13 -10.73 -6.30
CA TRP A 469 0.13 -11.96 -7.06
C TRP A 469 0.59 -11.65 -8.48
N TYR A 470 -0.04 -10.64 -9.08
CA TYR A 470 0.37 -10.19 -10.40
C TYR A 470 1.84 -9.74 -10.47
N SER A 471 2.30 -9.03 -9.42
CA SER A 471 3.70 -8.60 -9.34
C SER A 471 4.70 -9.76 -9.46
N LEU A 472 4.35 -10.88 -8.82
CA LEU A 472 5.19 -12.08 -8.85
C LEU A 472 4.90 -12.91 -10.12
N TYR A 473 3.66 -12.85 -10.63
CA TYR A 473 3.33 -13.41 -11.94
C TYR A 473 4.28 -12.87 -13.02
N GLN A 474 4.62 -11.57 -12.93
CA GLN A 474 5.50 -10.91 -13.88
C GLN A 474 6.97 -10.96 -13.50
N ASN A 475 7.30 -11.74 -12.49
CA ASN A 475 8.64 -11.83 -11.96
C ASN A 475 9.31 -10.48 -11.60
N THR A 476 8.52 -9.52 -11.12
CA THR A 476 9.09 -8.25 -10.63
C THR A 476 9.46 -8.43 -9.16
N ASN A 477 9.94 -7.37 -8.52
CA ASN A 477 10.27 -7.43 -7.12
C ASN A 477 9.10 -7.12 -6.21
N GLY A 478 8.01 -6.57 -6.76
CA GLY A 478 6.83 -6.29 -5.95
C GLY A 478 5.93 -5.17 -6.41
N PHE A 479 5.53 -4.28 -5.48
CA PHE A 479 4.45 -3.31 -5.69
C PHE A 479 4.80 -1.88 -5.21
N LEU A 480 4.29 -0.89 -5.93
CA LEU A 480 4.43 0.51 -5.59
C LEU A 480 3.07 1.14 -5.75
N ARG A 481 2.76 2.09 -4.88
CA ARG A 481 1.58 2.94 -5.07
C ARG A 481 1.84 4.32 -4.49
N TRP A 482 1.16 5.31 -5.06
CA TRP A 482 1.43 6.72 -4.75
C TRP A 482 0.68 7.20 -3.52
N SER A 483 -0.01 6.31 -2.82
CA SER A 483 -1.19 6.71 -2.04
C SER A 483 -1.26 6.17 -0.61
N TRP A 484 -0.19 6.35 0.15
CA TRP A 484 -0.26 6.00 1.57
C TRP A 484 -1.37 6.79 2.29
N ASP A 485 -1.33 8.11 2.16
CA ASP A 485 -1.92 9.02 3.15
C ASP A 485 -2.36 10.41 2.64
N GLY A 486 -2.64 10.55 1.35
CA GLY A 486 -2.98 11.85 0.75
C GLY A 486 -4.40 12.26 1.02
N TRP A 487 -4.70 12.58 2.27
CA TRP A 487 -6.07 12.76 2.72
C TRP A 487 -6.73 14.03 2.14
N VAL A 488 -8.02 13.92 1.81
CA VAL A 488 -8.87 15.10 1.56
C VAL A 488 -9.13 15.80 2.91
N GLU A 489 -10.11 16.68 2.97
CA GLU A 489 -10.44 17.46 4.17
C GLU A 489 -10.77 16.58 5.39
N ASN A 490 -11.76 15.72 5.20
CA ASN A 490 -12.33 14.91 6.25
C ASN A 490 -12.67 13.55 5.66
N PRO A 491 -11.64 12.72 5.42
CA PRO A 491 -11.85 11.45 4.72
C PRO A 491 -12.84 10.55 5.44
N LEU A 492 -12.88 10.65 6.77
CA LEU A 492 -13.78 9.85 7.57
C LEU A 492 -15.25 10.00 7.19
N GLU A 493 -15.67 11.21 6.79
CA GLU A 493 -17.07 11.49 6.43
C GLU A 493 -17.32 11.52 4.94
N ASN A 494 -16.33 12.01 4.19
CA ASN A 494 -16.41 12.11 2.76
C ASN A 494 -15.02 12.04 2.17
N VAL A 495 -14.79 11.06 1.30
CA VAL A 495 -13.50 10.89 0.60
C VAL A 495 -13.41 11.57 -0.77
N SER A 496 -14.49 12.23 -1.19
CA SER A 496 -14.66 12.67 -2.57
C SER A 496 -13.63 13.72 -2.93
N TYR A 497 -12.98 13.51 -4.07
CA TYR A 497 -12.00 14.48 -4.60
C TYR A 497 -12.26 14.73 -6.10
N LYS A 498 -11.81 15.88 -6.61
CA LYS A 498 -12.11 16.35 -7.96
C LYS A 498 -11.42 15.54 -9.05
N TYR A 499 -10.29 14.91 -8.71
CA TYR A 499 -9.68 13.93 -9.59
C TYR A 499 -9.90 12.50 -9.07
N TRP A 500 -9.84 11.54 -10.00
CA TRP A 500 -9.67 10.12 -9.72
C TRP A 500 -10.83 9.41 -9.01
N GLU A 501 -10.82 8.09 -9.14
CA GLU A 501 -11.75 7.20 -8.45
C GLU A 501 -11.56 7.46 -6.95
N PRO A 502 -12.67 7.47 -6.18
CA PRO A 502 -12.61 7.93 -4.78
C PRO A 502 -11.77 7.00 -3.86
N GLY A 503 -10.97 7.60 -2.97
CA GLY A 503 -10.02 6.86 -2.12
C GLY A 503 -8.69 6.58 -2.78
N ASP A 504 -8.53 6.91 -4.06
CA ASP A 504 -7.28 6.67 -4.76
C ASP A 504 -6.06 7.24 -4.04
N PRO A 505 -6.18 8.45 -3.44
CA PRO A 505 -4.96 9.05 -2.90
C PRO A 505 -4.51 8.50 -1.54
N PHE A 506 -5.31 7.65 -0.88
CA PHE A 506 -4.94 7.13 0.45
C PHE A 506 -5.42 5.71 0.75
N LEU A 507 -4.48 4.90 1.21
CA LEU A 507 -4.75 3.56 1.70
C LEU A 507 -5.08 3.49 3.19
N ILE A 508 -4.78 4.54 3.94
CA ILE A 508 -5.19 4.62 5.37
C ILE A 508 -6.00 5.87 5.63
N TYR A 509 -6.88 5.79 6.62
CA TYR A 509 -7.63 6.95 7.08
C TYR A 509 -6.90 7.58 8.23
N PRO A 510 -7.10 8.89 8.44
CA PRO A 510 -6.64 9.49 9.66
C PRO A 510 -7.53 9.07 10.82
N ALA A 511 -7.09 9.32 12.04
CA ALA A 511 -7.97 9.20 13.19
C ALA A 511 -8.74 10.50 13.27
N GLU A 512 -9.64 10.58 14.22
CA GLU A 512 -10.42 11.79 14.48
C GLU A 512 -9.47 12.89 14.96
N LYS A 513 -9.77 14.14 14.59
CA LYS A 513 -8.90 15.29 14.92
C LYS A 513 -8.61 15.44 16.42
N ASP A 514 -9.60 15.09 17.24
CA ASP A 514 -9.48 15.13 18.71
C ASP A 514 -8.93 13.84 19.34
N SER A 515 -8.39 12.92 18.54
CA SER A 515 -8.03 11.59 19.06
C SER A 515 -6.86 11.67 20.05
N ILE A 516 -7.03 10.99 21.18
CA ILE A 516 -5.97 10.79 22.15
C ILE A 516 -5.78 9.28 22.15
N GLY A 517 -4.73 8.82 21.47
CA GLY A 517 -4.46 7.40 21.29
C GLY A 517 -4.13 7.07 19.84
N LYS A 518 -5.11 6.58 19.10
CA LYS A 518 -4.94 6.24 17.69
C LYS A 518 -4.64 7.46 16.82
N THR A 519 -3.81 7.25 15.81
CA THR A 519 -3.44 8.29 14.85
C THR A 519 -3.85 7.95 13.40
N PHE A 520 -4.39 6.75 13.18
CA PHE A 520 -4.86 6.32 11.85
C PHE A 520 -5.80 5.14 11.99
N TYR A 521 -6.57 4.88 10.94
CA TYR A 521 -7.38 3.67 10.79
C TYR A 521 -6.98 2.97 9.51
N SER A 522 -6.99 1.64 9.55
CA SER A 522 -6.66 0.84 8.38
C SER A 522 -7.91 0.67 7.54
N THR A 523 -7.75 0.01 6.40
CA THR A 523 -8.86 -0.26 5.46
C THR A 523 -8.82 -1.69 4.94
N PRO A 524 -9.98 -2.25 4.58
CA PRO A 524 -9.98 -3.58 3.96
C PRO A 524 -9.06 -3.73 2.77
N ARG A 525 -9.04 -2.74 1.87
CA ARG A 525 -8.17 -2.78 0.69
C ARG A 525 -6.69 -2.82 1.07
N LEU A 526 -6.33 -2.09 2.10
CA LEU A 526 -4.96 -2.18 2.59
C LEU A 526 -4.70 -3.55 3.18
N GLU A 527 -5.65 -4.04 3.98
CA GLU A 527 -5.50 -5.37 4.60
C GLU A 527 -5.30 -6.47 3.56
N LYS A 528 -5.94 -6.33 2.40
CA LYS A 528 -5.80 -7.33 1.32
C LYS A 528 -4.47 -7.23 0.57
N LEU A 529 -3.90 -6.03 0.47
CA LEU A 529 -2.53 -5.86 -0.01
C LEU A 529 -1.55 -6.56 0.94
N LYS A 530 -1.80 -6.42 2.24
CA LYS A 530 -1.00 -7.07 3.27
C LYS A 530 -1.09 -8.60 3.15
N GLU A 531 -2.32 -9.12 3.05
CA GLU A 531 -2.53 -10.56 2.85
C GLU A 531 -1.69 -11.07 1.68
N GLY A 532 -1.81 -10.38 0.54
CA GLY A 532 -1.08 -10.74 -0.68
C GLY A 532 0.41 -10.74 -0.49
N ILE A 533 0.91 -9.73 0.19
CA ILE A 533 2.34 -9.65 0.49
C ILE A 533 2.78 -10.81 1.38
N ARG A 534 1.97 -11.14 2.37
CA ARG A 534 2.27 -12.28 3.24
C ARG A 534 2.27 -13.57 2.40
N ASP A 535 1.25 -13.74 1.55
CA ASP A 535 1.12 -14.96 0.75
C ASP A 535 2.21 -15.11 -0.32
N ILE A 536 2.55 -14.06 -1.06
CA ILE A 536 3.70 -14.18 -2.00
C ILE A 536 4.99 -14.44 -1.25
N ASN A 537 5.14 -13.90 -0.04
CA ASN A 537 6.32 -14.22 0.77
C ASN A 537 6.38 -15.72 1.14
N LYS A 538 5.22 -16.33 1.36
CA LYS A 538 5.11 -17.77 1.57
C LYS A 538 5.65 -18.49 0.34
N ALA A 539 5.08 -18.14 -0.81
CA ALA A 539 5.49 -18.73 -2.08
C ALA A 539 6.99 -18.78 -2.17
N LYS A 540 7.62 -17.60 -2.02
CA LYS A 540 9.05 -17.46 -2.24
C LYS A 540 9.90 -18.12 -1.16
N TYR A 541 9.35 -18.23 0.04
CA TYR A 541 9.98 -18.99 1.11
C TYR A 541 10.03 -20.48 0.70
N LEU A 542 8.91 -21.00 0.20
CA LEU A 542 8.86 -22.42 -0.21
C LEU A 542 9.85 -22.71 -1.32
N MET A 543 9.84 -21.88 -2.37
CA MET A 543 10.75 -22.01 -3.50
C MET A 543 12.21 -22.08 -3.05
N GLU A 544 12.60 -21.22 -2.11
CA GLU A 544 13.98 -21.21 -1.62
C GLU A 544 14.31 -22.47 -0.82
N LYS A 545 13.42 -22.83 0.10
CA LYS A 545 13.67 -23.89 1.08
C LYS A 545 13.40 -25.30 0.54
N ALA A 546 12.47 -25.42 -0.41
CA ALA A 546 12.12 -26.67 -1.06
C ALA A 546 12.35 -26.54 -2.56
N PRO A 547 13.64 -26.56 -3.01
CA PRO A 547 13.93 -26.24 -4.40
C PRO A 547 13.32 -27.22 -5.40
N ASN A 548 13.06 -28.45 -4.97
CA ASN A 548 12.37 -29.43 -5.80
C ASN A 548 10.83 -29.34 -5.74
N LEU A 549 10.29 -28.31 -5.07
CA LEU A 549 8.88 -27.92 -5.28
C LEU A 549 8.77 -26.64 -6.11
N LYS A 550 9.91 -26.09 -6.54
CA LYS A 550 9.96 -24.76 -7.15
C LYS A 550 9.16 -24.66 -8.44
N ASN A 551 9.52 -25.48 -9.43
CA ASN A 551 8.93 -25.38 -10.77
C ASN A 551 7.42 -25.47 -10.74
N SER A 552 6.88 -26.37 -9.91
CA SER A 552 5.44 -26.51 -9.69
C SER A 552 4.79 -25.29 -9.03
N ILE A 553 5.50 -24.64 -8.11
CA ILE A 553 5.06 -23.35 -7.54
C ILE A 553 4.99 -22.31 -8.66
N GLU A 554 6.10 -22.16 -9.38
CA GLU A 554 6.14 -21.25 -10.52
C GLU A 554 4.99 -21.51 -11.50
N ASN A 555 4.65 -22.79 -11.72
CA ASN A 555 3.51 -23.16 -12.58
C ASN A 555 2.17 -22.69 -12.02
N LEU A 556 1.95 -22.88 -10.73
CA LEU A 556 0.74 -22.33 -10.07
C LEU A 556 0.68 -20.79 -10.21
N ILE A 557 1.82 -20.13 -10.00
CA ILE A 557 1.89 -18.66 -10.09
C ILE A 557 1.65 -18.25 -11.53
N TYR A 558 2.50 -18.76 -12.43
CA TYR A 558 2.41 -18.44 -13.86
C TYR A 558 1.12 -18.91 -14.54
N SER A 559 0.34 -19.74 -13.86
CA SER A 559 -1.05 -20.03 -14.30
C SER A 559 -2.08 -18.95 -13.92
N LEU A 560 -1.65 -17.81 -13.40
CA LEU A 560 -2.59 -16.78 -12.97
C LEU A 560 -3.28 -16.18 -14.17
N LYS A 561 -4.58 -15.93 -14.02
CA LYS A 561 -5.44 -15.52 -15.11
C LYS A 561 -5.89 -14.10 -14.83
N ARG A 562 -5.58 -13.19 -15.75
CA ARG A 562 -5.86 -11.76 -15.59
C ARG A 562 -7.26 -11.36 -16.07
N PRO A 563 -8.07 -10.69 -15.22
CA PRO A 563 -9.38 -10.21 -15.67
C PRO A 563 -9.29 -8.93 -16.50
N ASN A 564 -10.39 -8.62 -17.18
CA ASN A 564 -10.47 -7.48 -18.08
C ASN A 564 -11.11 -6.26 -17.44
N LYS A 565 -10.67 -5.10 -17.95
N LYS A 565 -10.69 -5.10 -17.96
CA LYS A 565 -11.04 -3.79 -17.43
CA LYS A 565 -11.03 -3.80 -17.40
C LYS A 565 -12.32 -3.30 -18.09
C LYS A 565 -12.28 -3.23 -18.08
N GLY A 566 -13.25 -2.81 -17.28
CA GLY A 566 -14.44 -2.11 -17.77
C GLY A 566 -14.38 -0.67 -17.30
N GLU A 567 -15.52 -0.01 -17.39
CA GLU A 567 -15.69 1.34 -16.87
C GLU A 567 -17.16 1.52 -16.53
N ASN A 568 -17.45 2.10 -15.36
CA ASN A 568 -18.83 2.37 -14.96
C ASN A 568 -19.35 3.64 -15.65
N ALA A 569 -20.53 4.10 -15.28
CA ALA A 569 -21.19 5.23 -15.94
C ALA A 569 -20.53 6.59 -15.73
N TYR A 570 -19.66 6.73 -14.74
CA TYR A 570 -19.16 8.05 -14.34
C TYR A 570 -17.63 8.22 -14.43
N GLY A 571 -16.99 7.38 -15.24
CA GLY A 571 -15.54 7.47 -15.50
C GLY A 571 -14.62 6.60 -14.64
N SER A 572 -15.20 5.83 -13.71
CA SER A 572 -14.41 4.99 -12.79
C SER A 572 -14.18 3.60 -13.34
N ALA A 573 -12.91 3.19 -13.37
CA ALA A 573 -12.53 1.86 -13.81
C ALA A 573 -13.11 0.79 -12.86
N VAL A 574 -13.73 -0.23 -13.45
CA VAL A 574 -14.35 -1.36 -12.74
C VAL A 574 -14.12 -2.64 -13.55
N ALA A 575 -14.58 -3.79 -13.04
CA ALA A 575 -14.48 -5.07 -13.78
C ALA A 575 -15.28 -4.99 -15.08
N ALA A 576 -14.74 -5.60 -16.15
CA ALA A 576 -15.42 -5.67 -17.46
C ALA A 576 -16.84 -6.24 -17.35
N SER A 577 -17.00 -7.29 -16.55
CA SER A 577 -18.28 -7.95 -16.28
C SER A 577 -18.20 -8.62 -14.90
N LYS A 578 -19.31 -9.21 -14.44
CA LYS A 578 -19.29 -9.96 -13.18
C LYS A 578 -18.43 -11.23 -13.25
N GLU A 579 -18.31 -11.84 -14.44
CA GLU A 579 -17.35 -12.94 -14.67
C GLU A 579 -15.91 -12.53 -14.34
N ASP A 580 -15.55 -11.31 -14.76
CA ASP A 580 -14.21 -10.74 -14.50
C ASP A 580 -14.02 -10.32 -13.03
N ARG A 581 -15.09 -9.81 -12.41
CA ARG A 581 -15.11 -9.54 -10.97
C ARG A 581 -14.83 -10.80 -10.14
N ASP A 582 -15.61 -11.85 -10.41
CA ASP A 582 -15.52 -13.10 -9.67
C ASP A 582 -14.21 -13.82 -9.96
N LEU A 583 -13.65 -13.62 -11.16
CA LEU A 583 -12.33 -14.15 -11.49
C LEU A 583 -11.23 -13.58 -10.58
N THR A 584 -11.34 -12.31 -10.21
CA THR A 584 -10.37 -11.68 -9.30
C THR A 584 -10.35 -12.39 -7.94
N ILE A 585 -11.53 -12.50 -7.33
CA ILE A 585 -11.72 -13.25 -6.08
C ILE A 585 -11.25 -14.69 -6.27
N SER A 586 -11.85 -15.36 -7.26
CA SER A 586 -11.53 -16.75 -7.59
C SER A 586 -10.03 -17.01 -7.56
N GLU A 587 -9.27 -16.24 -8.34
CA GLU A 587 -7.81 -16.46 -8.49
C GLU A 587 -6.99 -16.14 -7.23
N ALA A 588 -7.46 -15.19 -6.41
CA ALA A 588 -6.77 -14.81 -5.18
C ALA A 588 -6.71 -16.02 -4.25
N ASN A 589 -7.89 -16.52 -3.89
CA ASN A 589 -8.08 -17.77 -3.16
C ASN A 589 -7.32 -18.95 -3.76
N ARG A 590 -7.48 -19.13 -5.07
CA ARG A 590 -6.89 -20.24 -5.81
C ARG A 590 -5.39 -20.34 -5.53
N ILE A 591 -4.67 -19.25 -5.77
CA ILE A 591 -3.22 -19.26 -5.64
C ILE A 591 -2.82 -19.40 -4.17
N LYS A 592 -3.58 -18.78 -3.27
CA LYS A 592 -3.29 -18.85 -1.85
C LYS A 592 -3.41 -20.29 -1.37
N ASN A 593 -4.54 -20.92 -1.66
CA ASN A 593 -4.79 -22.29 -1.22
C ASN A 593 -3.77 -23.26 -1.77
N GLY A 594 -3.52 -23.15 -3.08
CA GLY A 594 -2.49 -23.94 -3.73
C GLY A 594 -1.14 -23.81 -3.07
N ILE A 595 -0.81 -22.59 -2.65
CA ILE A 595 0.45 -22.29 -1.98
C ILE A 595 0.55 -22.92 -0.59
N ASN A 596 -0.57 -22.98 0.13
CA ASN A 596 -0.58 -23.68 1.41
C ASN A 596 -0.58 -25.21 1.23
N ASN A 597 -1.16 -25.69 0.14
CA ASN A 597 -0.99 -27.10 -0.20
C ASN A 597 0.47 -27.46 -0.48
N PHE A 598 1.22 -26.58 -1.16
CA PHE A 598 2.67 -26.78 -1.26
C PHE A 598 3.35 -26.73 0.12
N ALA A 599 2.82 -25.90 1.02
CA ALA A 599 3.34 -25.81 2.39
C ALA A 599 3.17 -27.14 3.13
N ARG A 600 1.95 -27.65 3.11
CA ARG A 600 1.63 -29.02 3.58
C ARG A 600 2.51 -30.12 2.98
N GLU A 601 2.81 -30.02 1.70
CA GLU A 601 3.74 -30.94 1.05
C GLU A 601 5.16 -30.86 1.63
N PHE A 602 5.68 -29.65 1.78
CA PHE A 602 7.03 -29.46 2.33
C PHE A 602 7.11 -29.90 3.81
N ILE A 603 6.03 -29.69 4.56
CA ILE A 603 5.98 -30.07 5.97
C ILE A 603 5.91 -31.60 6.10
N SER A 604 5.01 -32.20 5.32
CA SER A 604 4.86 -33.66 5.27
C SER A 604 6.17 -34.33 4.87
N LEU A 605 6.76 -33.87 3.77
CA LEU A 605 8.06 -34.34 3.30
C LEU A 605 9.11 -34.31 4.41
N THR A 606 9.18 -33.19 5.12
CA THR A 606 10.12 -33.00 6.24
C THR A 606 9.92 -34.03 7.36
N MET A 607 8.71 -34.13 7.89
CA MET A 607 8.45 -35.06 8.99
C MET A 607 8.41 -36.57 8.61
N GLU A 608 8.28 -36.87 7.32
CA GLU A 608 8.39 -38.25 6.82
C GLU A 608 9.84 -38.67 6.51
N THR A 609 10.72 -37.69 6.28
CA THR A 609 12.16 -37.95 6.07
C THR A 609 12.92 -37.96 7.40
N LEU A 610 12.41 -37.22 8.39
CA LEU A 610 12.93 -37.26 9.77
C LEU A 610 12.87 -38.67 10.35
#